data_3QK3
#
_entry.id   3QK3
#
_cell.length_a   98.778
_cell.length_b   82.627
_cell.length_c   63.592
_cell.angle_alpha   90.00
_cell.angle_beta   97.92
_cell.angle_gamma   90.00
#
_symmetry.space_group_name_H-M   'C 1 2 1'
#
loop_
_entity.id
_entity.type
_entity.pdbx_description
1 polymer 'Beta-crystallin B3'
2 non-polymer 'SULFATE ION'
3 non-polymer 1,2-ETHANEDIOL
4 water water
#
_entity_poly.entity_id   1
_entity_poly.type   'polypeptide(L)'
_entity_poly.pdbx_seq_one_letter_code
;YFQSMGGSYKVILYELENFQGKRCELSAECPSLTDSLLEKVGSIQVESGPWLAFESRAFRGEQFVLEKGDYPRWDAWSNS
RDSDSLLSLRPLNIDSPHHKLHLFENPAFSGRKMEIVDDDVPSLWAHGFQDRVASVRAINGTWVGYEFPGYRGRQYVFER
GEYRHWNEWDASQPQLQSVRRIRD
;
_entity_poly.pdbx_strand_id   A,B,C
#
loop_
_chem_comp.id
_chem_comp.type
_chem_comp.name
_chem_comp.formula
EDO non-polymer 1,2-ETHANEDIOL 'C2 H6 O2'
SO4 non-polymer 'SULFATE ION' 'O4 S -2'
#
# COMPACT_ATOMS: atom_id res chain seq x y z
N SER A 8 -19.06 20.64 1.34
CA SER A 8 -19.10 20.29 -0.08
C SER A 8 -19.27 18.77 -0.32
N TYR A 9 -18.87 17.88 0.62
CA TYR A 9 -19.04 16.41 0.45
C TYR A 9 -19.80 15.82 1.61
N LYS A 10 -20.62 14.79 1.35
CA LYS A 10 -21.43 14.19 2.42
C LYS A 10 -21.92 12.80 2.01
N VAL A 11 -21.61 11.81 2.87
CA VAL A 11 -22.00 10.43 2.67
C VAL A 11 -22.64 9.94 3.98
N ILE A 12 -23.71 9.14 3.86
CA ILE A 12 -24.35 8.53 5.00
C ILE A 12 -24.22 7.02 4.84
N LEU A 13 -23.56 6.38 5.82
CA LEU A 13 -23.34 4.93 5.84
C LEU A 13 -24.25 4.30 6.86
N TYR A 14 -24.84 3.16 6.52
CA TYR A 14 -25.78 2.45 7.38
C TYR A 14 -25.25 1.06 7.70
N GLU A 15 -25.54 0.59 8.92
CA GLU A 15 -25.13 -0.71 9.43
C GLU A 15 -25.77 -1.85 8.60
N LEU A 16 -27.03 -1.69 8.23
CA LEU A 16 -27.73 -2.73 7.51
C LEU A 16 -28.15 -2.31 6.11
N GLU A 17 -28.69 -3.27 5.35
CA GLU A 17 -29.18 -3.03 4.00
C GLU A 17 -30.39 -2.11 4.04
N ASN A 18 -30.71 -1.48 2.91
CA ASN A 18 -31.89 -0.61 2.74
C ASN A 18 -31.96 0.54 3.75
N PHE A 19 -30.78 1.10 4.08
CA PHE A 19 -30.61 2.32 4.90
C PHE A 19 -31.22 2.14 6.30
N GLN A 20 -31.14 0.91 6.84
CA GLN A 20 -31.62 0.52 8.19
C GLN A 20 -30.44 0.41 9.16
N GLY A 21 -30.74 0.36 10.46
CA GLY A 21 -29.73 0.23 11.52
C GLY A 21 -29.01 1.51 11.82
N LYS A 22 -27.88 1.41 12.55
CA LYS A 22 -27.03 2.54 12.93
C LYS A 22 -26.53 3.33 11.70
N ARG A 23 -26.45 4.67 11.87
CA ARG A 23 -25.97 5.55 10.82
C ARG A 23 -24.63 6.14 11.18
N CYS A 24 -23.89 6.53 10.14
CA CYS A 24 -22.63 7.21 10.28
C CYS A 24 -22.53 8.24 9.15
N GLU A 25 -22.61 9.51 9.50
CA GLU A 25 -22.51 10.62 8.54
C GLU A 25 -21.08 11.11 8.45
N LEU A 26 -20.56 11.28 7.24
CA LEU A 26 -19.18 11.78 7.00
C LEU A 26 -19.17 12.91 6.02
N SER A 27 -18.36 13.93 6.28
CA SER A 27 -18.21 15.07 5.39
C SER A 27 -16.73 15.24 5.03
N ALA A 28 -15.91 14.32 5.50
CA ALA A 28 -14.47 14.30 5.27
C ALA A 28 -13.99 12.85 5.21
N GLU A 29 -12.74 12.67 4.72
CA GLU A 29 -12.16 11.33 4.55
C GLU A 29 -12.13 10.59 5.86
N CYS A 30 -12.18 9.28 5.77
CA CYS A 30 -12.14 8.41 6.94
C CYS A 30 -11.14 7.29 6.66
N PRO A 31 -9.95 7.25 7.28
CA PRO A 31 -8.98 6.19 6.95
C PRO A 31 -9.31 4.83 7.58
N SER A 32 -10.27 4.80 8.53
CA SER A 32 -10.71 3.56 9.17
C SER A 32 -12.10 3.73 9.74
N LEU A 33 -13.04 2.98 9.21
CA LEU A 33 -14.41 3.03 9.71
C LEU A 33 -14.65 2.35 11.11
N THR A 34 -13.65 1.69 11.70
CA THR A 34 -13.79 1.04 13.02
C THR A 34 -14.19 2.00 14.16
N LEU A 37 -17.93 2.58 15.77
CA LEU A 37 -18.43 3.58 14.83
C LEU A 37 -19.50 2.98 13.87
N LEU A 38 -19.24 1.74 13.35
CA LEU A 38 -20.06 0.86 12.50
C LEU A 38 -19.37 -0.48 12.39
N GLU A 39 -20.10 -1.59 12.58
CA GLU A 39 -19.55 -2.94 12.53
C GLU A 39 -19.22 -3.37 11.09
N LYS A 40 -20.16 -3.15 10.16
CA LYS A 40 -20.05 -3.50 8.74
C LYS A 40 -21.06 -2.69 7.93
N VAL A 41 -20.60 -1.91 6.95
CA VAL A 41 -21.47 -1.09 6.07
C VAL A 41 -22.40 -2.00 5.25
N GLY A 42 -23.71 -1.77 5.39
CA GLY A 42 -24.72 -2.55 4.69
C GLY A 42 -25.36 -1.81 3.55
N SER A 43 -25.35 -0.45 3.61
CA SER A 43 -25.93 0.43 2.60
C SER A 43 -25.39 1.83 2.76
N ILE A 44 -25.50 2.59 1.67
CA ILE A 44 -24.92 3.92 1.56
C ILE A 44 -25.84 4.88 0.80
N GLN A 45 -25.90 6.14 1.25
CA GLN A 45 -26.52 7.24 0.53
C GLN A 45 -25.43 8.31 0.34
N VAL A 46 -25.05 8.58 -0.95
CA VAL A 46 -24.07 9.64 -1.23
C VAL A 46 -24.89 10.90 -1.51
N GLU A 47 -24.87 11.84 -0.56
CA GLU A 47 -25.61 13.11 -0.68
C GLU A 47 -24.87 14.10 -1.58
N SER A 48 -23.52 14.16 -1.41
CA SER A 48 -22.67 15.04 -2.23
C SER A 48 -21.37 14.33 -2.41
N GLY A 49 -20.99 14.11 -3.65
CA GLY A 49 -19.79 13.35 -3.95
C GLY A 49 -19.03 13.86 -5.17
N PRO A 50 -18.37 12.95 -5.92
CA PRO A 50 -18.30 11.51 -5.64
C PRO A 50 -17.35 11.17 -4.49
N TRP A 51 -17.48 9.96 -3.95
CA TRP A 51 -16.56 9.43 -2.96
C TRP A 51 -15.82 8.25 -3.59
N LEU A 52 -14.63 7.96 -3.06
CA LEU A 52 -13.88 6.78 -3.42
C LEU A 52 -13.83 5.91 -2.19
N ALA A 53 -14.46 4.74 -2.24
CA ALA A 53 -14.45 3.84 -1.09
C ALA A 53 -13.49 2.68 -1.31
N PHE A 54 -13.05 2.06 -0.21
CA PHE A 54 -12.05 0.99 -0.24
C PHE A 54 -12.42 -0.17 0.64
N GLU A 55 -12.05 -1.37 0.18
CA GLU A 55 -12.29 -2.60 0.90
C GLU A 55 -11.51 -2.60 2.22
N SER A 56 -10.29 -2.03 2.24
CA SER A 56 -9.44 -2.10 3.43
C SER A 56 -9.18 -0.73 4.07
N ARG A 57 -8.57 -0.73 5.26
CA ARG A 57 -8.20 0.51 5.98
C ARG A 57 -7.12 1.28 5.21
N ALA A 58 -6.99 2.59 5.48
CA ALA A 58 -5.95 3.46 4.92
C ALA A 58 -5.96 3.49 3.37
N PHE A 59 -7.17 3.48 2.80
CA PHE A 59 -7.37 3.64 1.35
C PHE A 59 -6.60 2.56 0.50
N ARG A 60 -6.70 1.29 0.92
CA ARG A 60 -6.09 0.15 0.27
C ARG A 60 -7.13 -0.87 -0.12
N GLY A 61 -6.73 -1.82 -0.96
CA GLY A 61 -7.60 -2.90 -1.41
C GLY A 61 -8.53 -2.51 -2.53
N GLU A 62 -9.58 -3.31 -2.76
CA GLU A 62 -10.51 -3.07 -3.85
C GLU A 62 -11.18 -1.67 -3.74
N GLN A 63 -11.31 -1.01 -4.87
CA GLN A 63 -11.87 0.34 -5.00
C GLN A 63 -13.30 0.35 -5.52
N PHE A 64 -14.10 1.29 -4.98
CA PHE A 64 -15.48 1.49 -5.37
C PHE A 64 -15.74 2.99 -5.54
N VAL A 65 -15.96 3.43 -6.77
CA VAL A 65 -16.29 4.83 -7.05
C VAL A 65 -17.76 5.00 -6.69
N LEU A 66 -18.07 5.95 -5.83
CA LEU A 66 -19.45 6.19 -5.41
C LEU A 66 -19.95 7.54 -5.86
N GLU A 67 -20.71 7.58 -6.95
CA GLU A 67 -21.38 8.81 -7.37
C GLU A 67 -22.56 9.09 -6.43
N LYS A 68 -23.13 10.29 -6.53
CA LYS A 68 -24.32 10.70 -5.79
C LYS A 68 -25.45 9.70 -6.03
N GLY A 69 -26.19 9.38 -4.98
CA GLY A 69 -27.31 8.46 -5.09
C GLY A 69 -27.37 7.38 -4.03
N ASP A 70 -28.27 6.40 -4.24
CA ASP A 70 -28.60 5.37 -3.25
C ASP A 70 -28.09 3.99 -3.60
N TYR A 71 -27.45 3.33 -2.64
CA TYR A 71 -26.85 1.99 -2.75
C TYR A 71 -27.44 1.15 -1.62
N PRO A 72 -28.54 0.40 -1.88
CA PRO A 72 -29.25 -0.29 -0.78
C PRO A 72 -28.58 -1.54 -0.24
N ARG A 73 -27.52 -2.03 -0.91
CA ARG A 73 -26.78 -3.22 -0.51
C ARG A 73 -25.41 -3.19 -1.17
N TRP A 74 -24.46 -3.99 -0.65
CA TRP A 74 -23.09 -3.99 -1.14
C TRP A 74 -22.98 -4.31 -2.65
N ASP A 75 -23.86 -5.16 -3.20
CA ASP A 75 -23.80 -5.48 -4.64
C ASP A 75 -24.28 -4.30 -5.52
N ALA A 76 -24.81 -3.21 -4.91
CA ALA A 76 -25.17 -1.96 -5.64
C ALA A 76 -23.89 -1.12 -5.90
N TRP A 77 -22.85 -1.21 -5.03
CA TRP A 77 -21.59 -0.46 -5.27
C TRP A 77 -20.48 -1.39 -5.77
N SER A 78 -20.56 -2.71 -5.54
CA SER A 78 -19.50 -3.63 -5.97
C SER A 78 -19.94 -4.54 -7.11
N ASN A 79 -19.10 -4.65 -8.17
CA ASN A 79 -19.36 -5.51 -9.32
C ASN A 79 -18.65 -6.87 -9.20
N SER A 80 -17.75 -7.04 -8.22
CA SER A 80 -17.01 -8.30 -8.07
C SER A 80 -17.46 -9.05 -6.80
N ARG A 81 -16.79 -10.16 -6.51
CA ARG A 81 -17.05 -10.98 -5.31
C ARG A 81 -15.74 -11.10 -4.50
N ASP A 82 -14.80 -10.15 -4.72
CA ASP A 82 -13.53 -10.12 -4.02
C ASP A 82 -13.74 -9.74 -2.54
N SER A 83 -14.80 -8.91 -2.22
CA SER A 83 -15.17 -8.50 -0.86
C SER A 83 -16.51 -7.73 -0.73
N ASP A 84 -17.17 -7.90 0.44
CA ASP A 84 -18.35 -7.12 0.84
C ASP A 84 -17.92 -6.07 1.91
N SER A 85 -16.62 -6.13 2.31
CA SER A 85 -15.96 -5.24 3.28
C SER A 85 -15.69 -3.87 2.67
N LEU A 86 -15.95 -2.82 3.44
CA LEU A 86 -15.76 -1.41 3.06
C LEU A 86 -15.23 -0.73 4.33
N LEU A 87 -13.89 -0.41 4.38
CA LEU A 87 -13.25 0.04 5.61
C LEU A 87 -12.65 1.45 5.58
N SER A 88 -12.59 2.10 4.42
CA SER A 88 -12.14 3.50 4.33
C SER A 88 -12.74 4.16 3.11
N LEU A 89 -12.79 5.47 3.10
CA LEU A 89 -13.38 6.21 1.98
C LEU A 89 -13.05 7.68 2.11
N ARG A 90 -13.05 8.35 0.98
CA ARG A 90 -12.73 9.76 0.95
C ARG A 90 -13.46 10.48 -0.16
N PRO A 91 -13.63 11.81 -0.04
CA PRO A 91 -14.17 12.59 -1.16
C PRO A 91 -13.23 12.46 -2.38
N LEU A 92 -13.78 12.44 -3.58
CA LEU A 92 -12.93 12.34 -4.76
C LEU A 92 -13.05 13.65 -5.52
N ASN A 93 -11.92 14.36 -5.67
CA ASN A 93 -11.91 15.63 -6.39
CA ASN A 93 -11.87 15.63 -6.38
C ASN A 93 -11.90 15.33 -7.89
N ILE A 94 -12.92 15.84 -8.60
CA ILE A 94 -13.09 15.58 -10.02
C ILE A 94 -13.22 16.90 -10.80
N ASP A 95 -12.78 18.02 -10.20
CA ASP A 95 -12.78 19.34 -10.82
C ASP A 95 -11.67 19.40 -11.90
N SER A 96 -12.01 18.90 -13.09
CA SER A 96 -11.12 18.88 -14.25
C SER A 96 -11.92 19.22 -15.51
N PRO A 97 -11.60 20.31 -16.23
CA PRO A 97 -12.40 20.63 -17.43
C PRO A 97 -12.11 19.67 -18.59
N HIS A 98 -10.89 19.08 -18.64
CA HIS A 98 -10.51 18.16 -19.70
C HIS A 98 -9.98 16.84 -19.16
N HIS A 99 -10.07 15.81 -20.01
CA HIS A 99 -9.64 14.46 -19.70
C HIS A 99 -8.78 13.92 -20.81
N LYS A 100 -7.58 13.44 -20.46
CA LYS A 100 -6.64 12.86 -21.38
C LYS A 100 -5.99 11.63 -20.73
N LEU A 101 -6.08 10.49 -21.39
CA LEU A 101 -5.54 9.24 -20.90
C LEU A 101 -4.81 8.50 -21.99
N HIS A 102 -3.60 8.00 -21.67
CA HIS A 102 -2.83 7.16 -22.58
C HIS A 102 -2.73 5.78 -21.98
N LEU A 103 -3.11 4.77 -22.74
CA LEU A 103 -3.02 3.36 -22.35
C LEU A 103 -1.92 2.70 -23.12
N PHE A 104 -1.16 1.80 -22.48
CA PHE A 104 -0.05 1.13 -23.11
C PHE A 104 -0.16 -0.36 -22.91
N GLU A 105 0.25 -1.08 -23.95
CA GLU A 105 0.25 -2.54 -24.02
C GLU A 105 1.20 -3.18 -22.99
N ASN A 106 2.40 -2.61 -22.84
CA ASN A 106 3.44 -3.16 -21.98
C ASN A 106 3.87 -2.18 -20.88
N PRO A 107 4.51 -2.69 -19.77
CA PRO A 107 4.95 -1.77 -18.71
C PRO A 107 5.93 -0.72 -19.24
N ALA A 108 6.16 0.34 -18.43
CA ALA A 108 7.10 1.41 -18.73
C ALA A 108 6.76 2.13 -20.05
N PHE A 109 5.42 2.28 -20.33
CA PHE A 109 4.87 3.04 -21.47
C PHE A 109 5.42 2.55 -22.81
N SER A 110 5.47 1.21 -22.97
CA SER A 110 6.01 0.56 -24.15
C SER A 110 4.94 -0.26 -24.88
N GLY A 111 5.20 -0.56 -26.15
CA GLY A 111 4.30 -1.31 -27.01
C GLY A 111 3.22 -0.42 -27.57
N ARG A 112 2.11 -1.05 -28.01
CA ARG A 112 0.94 -0.34 -28.55
C ARG A 112 0.43 0.74 -27.59
N LYS A 113 0.05 1.91 -28.14
CA LYS A 113 -0.43 3.05 -27.35
C LYS A 113 -1.77 3.51 -27.88
N MET A 114 -2.66 3.87 -26.98
CA MET A 114 -3.98 4.39 -27.30
C MET A 114 -4.16 5.70 -26.54
N GLU A 115 -4.62 6.75 -27.21
CA GLU A 115 -4.91 8.01 -26.54
C GLU A 115 -6.44 8.24 -26.49
N ILE A 116 -6.96 8.61 -25.30
CA ILE A 116 -8.39 8.91 -25.13
C ILE A 116 -8.50 10.35 -24.67
N VAL A 117 -9.25 11.15 -25.41
CA VAL A 117 -9.41 12.58 -25.10
C VAL A 117 -10.88 12.91 -25.01
N ASP A 118 -11.31 13.40 -23.83
CA ASP A 118 -12.69 13.83 -23.52
C ASP A 118 -13.74 12.86 -24.07
N ASP A 119 -13.54 11.58 -23.78
CA ASP A 119 -14.44 10.52 -24.20
C ASP A 119 -14.31 9.31 -23.27
N ASP A 120 -15.29 8.42 -23.30
CA ASP A 120 -15.31 7.17 -22.55
C ASP A 120 -15.20 6.00 -23.52
N VAL A 121 -14.59 4.89 -23.09
CA VAL A 121 -14.41 3.73 -23.96
C VAL A 121 -15.07 2.49 -23.29
N PRO A 122 -16.29 2.10 -23.73
CA PRO A 122 -16.96 0.92 -23.13
C PRO A 122 -16.35 -0.42 -23.54
N SER A 123 -15.47 -0.42 -24.59
CA SER A 123 -14.75 -1.61 -25.02
C SER A 123 -13.43 -1.22 -25.67
N LEU A 124 -12.32 -1.58 -25.01
CA LEU A 124 -10.96 -1.32 -25.52
C LEU A 124 -10.71 -2.10 -26.79
N TRP A 125 -11.45 -3.21 -27.00
CA TRP A 125 -11.35 -4.05 -28.19
C TRP A 125 -11.69 -3.26 -29.46
N ALA A 126 -12.54 -2.20 -29.34
CA ALA A 126 -12.92 -1.37 -30.50
C ALA A 126 -11.72 -0.51 -30.99
N HIS A 127 -10.64 -0.46 -30.22
CA HIS A 127 -9.48 0.37 -30.54
C HIS A 127 -8.16 -0.46 -30.67
N GLY A 128 -8.26 -1.76 -30.97
CA GLY A 128 -7.11 -2.62 -31.18
C GLY A 128 -6.38 -3.12 -29.96
N PHE A 129 -6.87 -2.75 -28.80
CA PHE A 129 -6.34 -3.22 -27.53
C PHE A 129 -7.09 -4.48 -27.25
N GLN A 130 -6.49 -5.42 -26.57
CA GLN A 130 -7.26 -6.63 -26.31
C GLN A 130 -7.82 -6.44 -24.90
N ASP A 131 -7.34 -7.20 -23.92
CA ASP A 131 -7.72 -7.01 -22.54
C ASP A 131 -6.39 -6.83 -21.74
N ARG A 132 -5.42 -6.13 -22.33
CA ARG A 132 -4.10 -5.94 -21.68
C ARG A 132 -3.72 -4.50 -21.68
N VAL A 133 -3.57 -3.97 -20.47
CA VAL A 133 -3.14 -2.61 -20.23
C VAL A 133 -2.13 -2.77 -19.15
N ALA A 134 -0.85 -2.52 -19.46
CA ALA A 134 0.23 -2.75 -18.51
C ALA A 134 0.88 -1.47 -18.00
N SER A 135 0.60 -0.32 -18.62
CA SER A 135 1.03 0.99 -18.09
C SER A 135 0.06 2.03 -18.60
N VAL A 136 -0.08 3.11 -17.85
CA VAL A 136 -1.07 4.17 -18.08
C VAL A 136 -0.48 5.53 -17.74
N ARG A 137 -0.88 6.51 -18.53
CA ARG A 137 -0.60 7.90 -18.23
C ARG A 137 -1.94 8.60 -18.12
N ALA A 138 -2.27 9.11 -16.93
CA ALA A 138 -3.44 9.95 -16.79
C ALA A 138 -2.95 11.39 -16.84
N ILE A 139 -2.98 11.99 -18.05
CA ILE A 139 -2.48 13.34 -18.34
C ILE A 139 -3.39 14.39 -17.69
N ASN A 140 -4.69 14.28 -17.91
CA ASN A 140 -5.68 15.19 -17.33
C ASN A 140 -6.88 14.41 -16.87
N GLY A 141 -7.45 14.83 -15.75
CA GLY A 141 -8.66 14.27 -15.18
C GLY A 141 -8.50 12.95 -14.47
N THR A 142 -9.59 12.54 -13.85
CA THR A 142 -9.69 11.29 -13.07
C THR A 142 -10.49 10.30 -13.89
N TRP A 143 -9.98 9.07 -13.96
CA TRP A 143 -10.58 8.00 -14.74
C TRP A 143 -10.82 6.78 -13.87
N VAL A 144 -11.63 5.87 -14.37
CA VAL A 144 -11.89 4.60 -13.72
C VAL A 144 -11.88 3.54 -14.81
N GLY A 145 -11.00 2.54 -14.63
CA GLY A 145 -10.89 1.41 -15.53
C GLY A 145 -11.59 0.20 -14.93
N TYR A 146 -12.05 -0.72 -15.80
CA TYR A 146 -12.77 -1.92 -15.37
C TYR A 146 -12.23 -3.16 -16.03
N GLU A 147 -12.37 -4.32 -15.35
CA GLU A 147 -11.92 -5.61 -15.88
C GLU A 147 -12.65 -6.02 -17.15
N PHE A 148 -13.98 -5.75 -17.21
CA PHE A 148 -14.83 -6.26 -18.29
C PHE A 148 -15.44 -5.14 -19.14
N PRO A 149 -15.90 -5.45 -20.38
CA PRO A 149 -16.51 -4.40 -21.23
C PRO A 149 -17.77 -3.85 -20.60
N GLY A 150 -18.13 -2.63 -21.00
CA GLY A 150 -19.37 -2.00 -20.54
C GLY A 150 -19.32 -1.64 -19.06
N TYR A 151 -18.10 -1.35 -18.54
CA TYR A 151 -17.85 -0.91 -17.15
C TYR A 151 -18.32 -1.94 -16.11
N ARG A 152 -17.86 -3.17 -16.26
CA ARG A 152 -18.25 -4.26 -15.35
C ARG A 152 -17.03 -4.85 -14.71
N GLY A 153 -17.24 -5.53 -13.59
CA GLY A 153 -16.15 -6.14 -12.85
C GLY A 153 -15.45 -5.13 -11.95
N ARG A 154 -14.27 -5.50 -11.45
CA ARG A 154 -13.49 -4.69 -10.51
C ARG A 154 -13.04 -3.36 -11.18
N GLN A 155 -13.08 -2.28 -10.39
CA GLN A 155 -12.75 -0.91 -10.76
C GLN A 155 -11.38 -0.54 -10.24
N TYR A 156 -10.65 0.29 -11.02
CA TYR A 156 -9.36 0.85 -10.63
C TYR A 156 -9.37 2.30 -11.01
N VAL A 157 -9.11 3.18 -10.03
CA VAL A 157 -9.15 4.62 -10.27
C VAL A 157 -7.77 5.08 -10.71
N PHE A 158 -7.77 5.94 -11.73
CA PHE A 158 -6.59 6.62 -12.21
C PHE A 158 -6.70 8.10 -12.00
N GLU A 159 -5.97 8.64 -11.04
CA GLU A 159 -5.92 10.09 -10.91
C GLU A 159 -4.70 10.57 -11.69
N ARG A 160 -4.68 11.87 -12.01
CA ARG A 160 -3.59 12.49 -12.76
C ARG A 160 -2.23 11.97 -12.22
N GLY A 161 -1.43 11.42 -13.14
CA GLY A 161 -0.14 10.85 -12.79
C GLY A 161 0.27 9.76 -13.76
N GLU A 162 1.42 9.11 -13.52
CA GLU A 162 1.84 8.05 -14.42
C GLU A 162 2.01 6.71 -13.68
N TYR A 163 1.62 5.63 -14.37
CA TYR A 163 1.57 4.29 -13.81
C TYR A 163 2.39 3.40 -14.71
N ARG A 164 3.63 3.11 -14.33
CA ARG A 164 4.57 2.37 -15.17
C ARG A 164 4.31 0.86 -15.18
N HIS A 165 3.43 0.38 -14.30
CA HIS A 165 3.11 -1.06 -14.18
C HIS A 165 1.74 -1.21 -13.56
N TRP A 166 1.03 -2.31 -13.88
CA TRP A 166 -0.32 -2.54 -13.38
C TRP A 166 -0.42 -2.52 -11.83
N ASN A 167 0.67 -2.84 -11.09
CA ASN A 167 0.65 -2.77 -9.62
C ASN A 167 0.49 -1.34 -9.12
N GLU A 168 0.92 -0.33 -9.92
CA GLU A 168 0.81 1.11 -9.58
CA GLU A 168 0.82 1.08 -9.53
C GLU A 168 -0.65 1.54 -9.45
N TRP A 169 -1.59 0.84 -10.12
CA TRP A 169 -3.01 1.22 -9.94
C TRP A 169 -3.69 0.17 -9.04
N ASP A 170 -2.86 -0.57 -8.32
CA ASP A 170 -3.30 -1.55 -7.31
C ASP A 170 -4.05 -2.73 -7.92
N ALA A 171 -3.68 -3.14 -9.14
CA ALA A 171 -4.16 -4.33 -9.83
C ALA A 171 -3.12 -5.43 -9.73
N SER A 172 -3.58 -6.69 -9.59
CA SER A 172 -2.67 -7.84 -9.52
C SER A 172 -2.28 -8.29 -10.92
N GLN A 173 -3.11 -7.97 -11.93
CA GLN A 173 -2.93 -8.36 -13.32
C GLN A 173 -3.26 -7.21 -14.27
N PRO A 174 -2.63 -7.18 -15.48
CA PRO A 174 -2.92 -6.09 -16.42
C PRO A 174 -4.25 -6.23 -17.23
N GLN A 175 -5.26 -6.86 -16.67
CA GLN A 175 -6.51 -7.00 -17.43
C GLN A 175 -7.42 -5.77 -17.20
N LEU A 176 -7.77 -5.10 -18.30
CA LEU A 176 -8.75 -3.98 -18.37
C LEU A 176 -9.45 -4.07 -19.71
N GLN A 177 -10.78 -3.85 -19.74
CA GLN A 177 -11.51 -3.94 -21.02
C GLN A 177 -12.37 -2.70 -21.32
N SER A 178 -12.51 -1.79 -20.34
CA SER A 178 -13.26 -0.56 -20.53
C SER A 178 -12.73 0.47 -19.56
N VAL A 179 -12.93 1.75 -19.89
CA VAL A 179 -12.45 2.86 -19.06
C VAL A 179 -13.31 4.09 -19.37
N ARG A 180 -13.57 4.88 -18.34
CA ARG A 180 -14.38 6.10 -18.47
C ARG A 180 -13.86 7.18 -17.53
N ARG A 181 -14.26 8.43 -17.82
CA ARG A 181 -13.92 9.59 -17.02
C ARG A 181 -14.84 9.65 -15.83
N ILE A 182 -14.32 10.10 -14.69
CA ILE A 182 -15.16 10.37 -13.52
C ILE A 182 -15.51 11.83 -13.64
N ARG A 183 -16.79 12.09 -13.94
CA ARG A 183 -17.36 13.43 -14.14
C ARG A 183 -18.87 13.38 -13.91
N ASP A 184 -19.52 14.54 -13.79
CA ASP A 184 -20.98 14.68 -13.61
C ASP A 184 -21.66 15.00 -14.95
N SER B 8 13.09 19.41 16.61
CA SER B 8 14.20 18.98 15.75
C SER B 8 13.81 18.93 14.24
N TYR B 9 12.51 18.74 13.88
CA TYR B 9 12.10 18.71 12.47
C TYR B 9 11.06 19.76 12.20
N LYS B 10 11.10 20.38 11.00
CA LYS B 10 10.11 21.40 10.63
C LYS B 10 9.99 21.56 9.12
N VAL B 11 8.76 21.46 8.64
CA VAL B 11 8.45 21.67 7.24
C VAL B 11 7.29 22.63 7.15
N ILE B 12 7.35 23.54 6.16
CA ILE B 12 6.29 24.52 5.94
C ILE B 12 5.71 24.25 4.58
N LEU B 13 4.39 23.99 4.55
CA LEU B 13 3.69 23.67 3.31
C LEU B 13 2.78 24.81 2.95
N TYR B 14 2.76 25.19 1.69
CA TYR B 14 1.95 26.30 1.17
C TYR B 14 0.93 25.80 0.18
N GLU B 15 -0.25 26.44 0.20
CA GLU B 15 -1.36 26.14 -0.68
C GLU B 15 -0.98 26.39 -2.16
N LEU B 16 -0.24 27.48 -2.43
CA LEU B 16 0.10 27.84 -3.79
C LEU B 16 1.59 27.78 -4.07
N GLU B 17 1.97 27.95 -5.35
CA GLU B 17 3.36 27.96 -5.76
C GLU B 17 4.07 29.19 -5.21
N ASN B 18 5.42 29.15 -5.14
CA ASN B 18 6.25 30.27 -4.70
C ASN B 18 5.93 30.77 -3.27
N PHE B 19 5.56 29.83 -2.39
CA PHE B 19 5.34 30.03 -0.95
C PHE B 19 4.24 31.06 -0.68
N GLN B 20 3.16 30.97 -1.46
CA GLN B 20 2.00 31.83 -1.37
C GLN B 20 0.80 31.05 -0.83
N GLY B 21 -0.25 31.78 -0.46
CA GLY B 21 -1.48 31.22 0.07
C GLY B 21 -1.37 30.73 1.51
N LYS B 22 -2.33 29.90 1.93
CA LYS B 22 -2.39 29.30 3.28
C LYS B 22 -1.14 28.46 3.56
N ARG B 23 -0.66 28.54 4.78
CA ARG B 23 0.51 27.85 5.32
C ARG B 23 0.08 26.77 6.25
N CYS B 24 0.91 25.75 6.35
CA CYS B 24 0.75 24.65 7.30
C CYS B 24 2.17 24.25 7.77
N GLU B 25 2.48 24.53 9.05
CA GLU B 25 3.77 24.17 9.65
C GLU B 25 3.65 22.83 10.36
N LEU B 26 4.59 21.92 10.11
CA LEU B 26 4.59 20.59 10.75
C LEU B 26 5.91 20.29 11.39
N SER B 27 5.87 19.69 12.58
CA SER B 27 7.06 19.30 13.30
C SER B 27 7.01 17.79 13.56
N ALA B 28 5.97 17.13 13.08
CA ALA B 28 5.75 15.70 13.23
C ALA B 28 5.11 15.14 11.98
N GLU B 29 5.10 13.80 11.88
CA GLU B 29 4.52 13.14 10.70
C GLU B 29 3.06 13.53 10.50
N CYS B 30 2.60 13.52 9.27
CA CYS B 30 1.21 13.85 8.91
C CYS B 30 0.72 12.81 7.95
N PRO B 31 -0.27 11.95 8.33
CA PRO B 31 -0.70 10.88 7.41
C PRO B 31 -1.66 11.36 6.30
N SER B 32 -2.13 12.61 6.39
CA SER B 32 -3.04 13.18 5.38
C SER B 32 -3.05 14.68 5.47
N LEU B 33 -2.62 15.31 4.41
CA LEU B 33 -2.59 16.77 4.37
C LEU B 33 -3.96 17.37 4.06
N THR B 34 -4.92 16.59 3.59
CA THR B 34 -6.25 17.13 3.27
C THR B 34 -7.20 17.03 4.47
N ASP B 35 -6.77 16.38 5.55
CA ASP B 35 -7.59 16.24 6.75
C ASP B 35 -7.49 17.54 7.59
N SER B 36 -8.15 18.61 7.13
CA SER B 36 -8.28 19.95 7.71
C SER B 36 -6.94 20.77 7.74
N LEU B 37 -6.08 20.65 6.71
CA LEU B 37 -4.82 21.41 6.67
C LEU B 37 -4.73 22.25 5.39
N LEU B 38 -4.65 21.60 4.22
CA LEU B 38 -4.57 22.30 2.93
C LEU B 38 -5.41 21.59 1.88
N GLU B 39 -5.83 22.35 0.86
CA GLU B 39 -6.55 21.79 -0.28
C GLU B 39 -5.59 20.97 -1.17
N LYS B 40 -4.41 21.56 -1.51
CA LYS B 40 -3.39 20.95 -2.35
C LYS B 40 -2.05 21.69 -2.17
N VAL B 41 -0.98 20.98 -1.79
CA VAL B 41 0.37 21.56 -1.61
C VAL B 41 0.88 22.10 -2.95
N GLY B 42 1.20 23.39 -2.97
CA GLY B 42 1.74 24.05 -4.16
C GLY B 42 3.23 24.31 -4.07
N SER B 43 3.74 24.47 -2.82
CA SER B 43 5.16 24.73 -2.55
C SER B 43 5.51 24.33 -1.12
N ILE B 44 6.83 24.11 -0.88
CA ILE B 44 7.34 23.66 0.40
C ILE B 44 8.66 24.32 0.78
N GLN B 45 8.83 24.60 2.08
CA GLN B 45 10.13 24.97 2.65
C GLN B 45 10.47 23.94 3.73
N VAL B 46 11.60 23.31 3.60
CA VAL B 46 12.03 22.41 4.65
C VAL B 46 13.00 23.21 5.51
N GLU B 47 12.58 23.54 6.72
CA GLU B 47 13.37 24.34 7.64
C GLU B 47 14.39 23.44 8.38
N SER B 48 13.92 22.24 8.78
CA SER B 48 14.73 21.25 9.50
CA SER B 48 14.74 21.25 9.48
C SER B 48 14.29 19.88 9.02
N GLY B 49 15.21 19.14 8.41
CA GLY B 49 14.86 17.82 7.90
C GLY B 49 15.93 16.76 8.08
N PRO B 50 16.02 15.82 7.13
CA PRO B 50 15.18 15.69 5.93
C PRO B 50 13.81 15.09 6.25
N TRP B 51 12.88 15.26 5.33
CA TRP B 51 11.54 14.68 5.41
C TRP B 51 11.41 13.70 4.26
N LEU B 52 10.56 12.71 4.44
CA LEU B 52 10.17 11.76 3.40
C LEU B 52 8.72 12.04 3.09
N ALA B 53 8.43 12.56 1.90
CA ALA B 53 7.06 12.88 1.49
C ALA B 53 6.52 11.83 0.55
N PHE B 54 5.18 11.74 0.45
CA PHE B 54 4.50 10.74 -0.33
C PHE B 54 3.38 11.33 -1.15
N GLU B 55 3.19 10.76 -2.33
CA GLU B 55 2.16 11.15 -3.29
C GLU B 55 0.78 10.90 -2.70
N SER B 56 0.63 9.82 -1.94
CA SER B 56 -0.69 9.43 -1.46
C SER B 56 -0.79 9.54 0.06
N ARG B 57 -2.04 9.42 0.57
CA ARG B 57 -2.31 9.43 2.01
C ARG B 57 -1.68 8.20 2.68
N ALA B 58 -1.43 8.29 3.97
CA ALA B 58 -0.95 7.18 4.80
C ALA B 58 0.40 6.61 4.32
N PHE B 59 1.31 7.51 3.89
CA PHE B 59 2.72 7.15 3.54
C PHE B 59 2.79 6.07 2.45
N ARG B 60 1.98 6.25 1.41
CA ARG B 60 1.90 5.34 0.27
C ARG B 60 2.18 6.09 -1.01
N GLY B 61 2.44 5.34 -2.07
CA GLY B 61 2.66 5.91 -3.38
C GLY B 61 4.08 6.43 -3.56
N GLU B 62 4.26 7.27 -4.58
CA GLU B 62 5.58 7.77 -4.94
C GLU B 62 6.23 8.55 -3.80
N GLN B 63 7.55 8.35 -3.62
CA GLN B 63 8.32 8.95 -2.55
C GLN B 63 9.15 10.13 -3.03
N PHE B 64 9.29 11.12 -2.17
CA PHE B 64 10.09 12.32 -2.41
C PHE B 64 10.90 12.65 -1.17
N VAL B 65 12.22 12.47 -1.27
CA VAL B 65 13.12 12.84 -0.19
C VAL B 65 13.26 14.36 -0.21
N LEU B 66 12.97 15.00 0.93
CA LEU B 66 13.04 16.45 0.99
C LEU B 66 14.12 16.92 1.94
N GLU B 67 15.27 17.30 1.39
CA GLU B 67 16.32 17.91 2.19
C GLU B 67 15.92 19.34 2.54
N LYS B 68 16.69 19.97 3.43
CA LYS B 68 16.52 21.36 3.82
C LYS B 68 16.58 22.26 2.59
N GLY B 69 15.66 23.22 2.51
CA GLY B 69 15.67 24.17 1.40
C GLY B 69 14.30 24.51 0.86
N ASP B 70 14.29 25.19 -0.27
CA ASP B 70 13.09 25.72 -0.89
C ASP B 70 12.66 25.00 -2.16
N TYR B 71 11.36 24.65 -2.24
CA TYR B 71 10.74 23.94 -3.35
C TYR B 71 9.56 24.76 -3.82
N PRO B 72 9.76 25.68 -4.82
CA PRO B 72 8.69 26.64 -5.15
C PRO B 72 7.49 26.08 -5.94
N ARG B 73 7.59 24.83 -6.40
CA ARG B 73 6.58 24.14 -7.22
CA ARG B 73 6.53 24.14 -7.14
C ARG B 73 6.75 22.65 -7.07
N TRP B 74 5.72 21.86 -7.44
CA TRP B 74 5.80 20.39 -7.37
C TRP B 74 6.97 19.79 -8.13
N ASP B 75 7.28 20.30 -9.32
CA ASP B 75 8.38 19.74 -10.11
C ASP B 75 9.77 20.11 -9.49
N ALA B 76 9.83 20.86 -8.36
CA ALA B 76 11.09 21.09 -7.65
C ALA B 76 11.39 19.90 -6.71
N TRP B 77 10.36 19.17 -6.21
CA TRP B 77 10.57 18.00 -5.33
C TRP B 77 10.43 16.69 -6.09
N SER B 78 9.64 16.71 -7.16
CA SER B 78 9.40 15.52 -7.97
C SER B 78 10.34 15.58 -9.17
N ASN B 79 11.38 14.70 -9.17
CA ASN B 79 12.41 14.60 -10.22
C ASN B 79 11.93 13.70 -11.36
N SER B 80 10.62 13.42 -11.34
CA SER B 80 9.89 12.60 -12.28
C SER B 80 8.55 13.28 -12.49
N ARG B 81 8.20 13.62 -13.74
CA ARG B 81 6.93 14.30 -14.04
C ARG B 81 5.75 13.33 -13.85
N ASP B 82 5.88 12.43 -12.85
CA ASP B 82 4.88 11.42 -12.53
C ASP B 82 3.59 12.06 -12.03
N SER B 83 3.61 12.66 -10.82
CA SER B 83 2.44 13.30 -10.24
C SER B 83 2.78 14.65 -9.56
N ASP B 84 1.79 15.52 -9.44
CA ASP B 84 1.90 16.80 -8.75
C ASP B 84 1.28 16.69 -7.35
N SER B 85 0.88 15.48 -6.95
CA SER B 85 0.21 15.21 -5.68
C SER B 85 1.23 14.91 -4.56
N LEU B 86 0.97 15.41 -3.36
CA LEU B 86 1.78 15.22 -2.16
C LEU B 86 0.81 15.23 -1.00
N LEU B 87 0.61 14.08 -0.34
CA LEU B 87 -0.48 13.99 0.64
C LEU B 87 -0.10 13.50 2.05
N SER B 88 1.12 13.02 2.25
CA SER B 88 1.57 12.63 3.58
C SER B 88 3.07 12.76 3.60
N LEU B 89 3.65 12.88 4.81
CA LEU B 89 5.08 13.05 4.97
C LEU B 89 5.48 12.88 6.41
N ARG B 90 6.73 12.52 6.62
CA ARG B 90 7.26 12.30 7.93
C ARG B 90 8.74 12.67 8.04
N PRO B 91 9.22 12.99 9.25
CA PRO B 91 10.67 13.21 9.41
C PRO B 91 11.45 11.96 9.05
N LEU B 92 12.64 12.12 8.48
CA LEU B 92 13.44 10.95 8.13
C LEU B 92 14.70 10.94 9.00
N ASN B 93 14.86 9.87 9.80
CA ASN B 93 16.03 9.70 10.69
C ASN B 93 17.24 9.37 9.85
N ILE B 94 18.30 10.19 9.89
CA ILE B 94 19.49 9.95 9.06
C ILE B 94 20.77 9.92 9.91
N ASP B 95 20.62 9.76 11.24
CA ASP B 95 21.71 9.72 12.21
C ASP B 95 22.54 8.45 12.03
N SER B 96 23.50 8.49 11.08
CA SER B 96 24.37 7.36 10.79
C SER B 96 25.78 7.83 10.43
N PRO B 97 26.82 7.44 11.19
CA PRO B 97 28.18 7.90 10.84
C PRO B 97 28.73 7.17 9.60
N HIS B 98 28.24 5.95 9.32
CA HIS B 98 28.71 5.21 8.14
C HIS B 98 27.54 4.75 7.27
N HIS B 99 27.86 4.44 6.01
CA HIS B 99 26.89 3.99 5.01
C HIS B 99 27.44 2.80 4.29
N LYS B 100 26.66 1.70 4.29
CA LYS B 100 27.02 0.47 3.60
C LYS B 100 25.78 -0.10 2.95
N LEU B 101 25.85 -0.32 1.64
CA LEU B 101 24.75 -0.84 0.87
C LEU B 101 25.21 -1.95 -0.05
N HIS B 102 24.48 -3.06 -0.08
CA HIS B 102 24.70 -4.15 -0.98
C HIS B 102 23.52 -4.24 -1.94
N LEU B 103 23.80 -4.19 -3.25
CA LEU B 103 22.80 -4.32 -4.32
C LEU B 103 22.93 -5.67 -4.95
N PHE B 104 21.85 -6.30 -5.31
CA PHE B 104 21.86 -7.62 -5.91
C PHE B 104 21.04 -7.63 -7.18
N GLU B 105 21.53 -8.36 -8.16
CA GLU B 105 20.95 -8.54 -9.50
C GLU B 105 19.58 -9.22 -9.45
N ASN B 106 19.43 -10.26 -8.62
CA ASN B 106 18.22 -11.05 -8.53
C ASN B 106 17.61 -11.04 -7.12
N PRO B 107 16.31 -11.42 -6.96
CA PRO B 107 15.70 -11.41 -5.62
C PRO B 107 16.42 -12.35 -4.67
N ALA B 108 16.12 -12.22 -3.34
CA ALA B 108 16.66 -13.09 -2.30
C ALA B 108 18.20 -13.07 -2.28
N PHE B 109 18.80 -11.89 -2.54
CA PHE B 109 20.25 -11.60 -2.45
C PHE B 109 21.07 -12.57 -3.30
N SER B 110 20.59 -12.83 -4.52
CA SER B 110 21.20 -13.75 -5.47
C SER B 110 21.71 -13.00 -6.72
N GLY B 111 22.66 -13.63 -7.43
CA GLY B 111 23.26 -13.04 -8.63
C GLY B 111 24.33 -12.03 -8.29
N ARG B 112 24.73 -11.20 -9.25
CA ARG B 112 25.78 -10.19 -9.08
C ARG B 112 25.54 -9.28 -7.89
N LYS B 113 26.61 -8.96 -7.21
CA LYS B 113 26.51 -8.13 -6.02
C LYS B 113 27.39 -6.89 -6.14
N MET B 114 26.84 -5.72 -5.78
CA MET B 114 27.63 -4.49 -5.71
C MET B 114 27.68 -4.00 -4.24
N GLU B 115 28.87 -3.74 -3.71
CA GLU B 115 28.96 -3.19 -2.36
C GLU B 115 29.36 -1.72 -2.47
N ILE B 116 28.60 -0.85 -1.79
CA ILE B 116 28.86 0.58 -1.77
C ILE B 116 29.13 0.99 -0.34
N VAL B 117 30.31 1.57 -0.09
CA VAL B 117 30.71 1.97 1.25
C VAL B 117 31.07 3.45 1.25
N ASP B 118 30.35 4.25 2.05
CA ASP B 118 30.58 5.69 2.24
C ASP B 118 30.85 6.43 0.92
N ASP B 119 29.97 6.19 -0.05
CA ASP B 119 30.04 6.77 -1.38
C ASP B 119 28.68 6.77 -2.06
N ASP B 120 28.53 7.59 -3.07
CA ASP B 120 27.32 7.67 -3.89
C ASP B 120 27.60 7.13 -5.29
N VAL B 121 26.59 6.54 -5.94
CA VAL B 121 26.79 5.96 -7.27
C VAL B 121 25.82 6.63 -8.27
N PRO B 122 26.30 7.59 -9.10
CA PRO B 122 25.42 8.26 -10.07
C PRO B 122 25.05 7.38 -11.26
N SER B 123 25.74 6.24 -11.44
CA SER B 123 25.42 5.27 -12.49
C SER B 123 25.87 3.89 -12.07
N LEU B 124 24.91 2.99 -11.84
CA LEU B 124 25.21 1.58 -11.46
C LEU B 124 25.99 0.87 -12.58
N TRP B 125 25.79 1.33 -13.83
CA TRP B 125 26.46 0.80 -15.02
C TRP B 125 27.98 0.94 -14.94
N ALA B 126 28.50 1.95 -14.20
CA ALA B 126 29.94 2.16 -14.10
C ALA B 126 30.59 1.09 -13.20
N HIS B 127 29.77 0.28 -12.52
CA HIS B 127 30.26 -0.75 -11.60
C HIS B 127 29.75 -2.15 -11.92
N GLY B 128 29.48 -2.41 -13.21
CA GLY B 128 29.10 -3.75 -13.65
C GLY B 128 27.65 -4.15 -13.60
N PHE B 129 26.75 -3.26 -13.08
CA PHE B 129 25.33 -3.59 -13.09
C PHE B 129 24.69 -3.09 -14.38
N GLN B 130 23.48 -3.57 -14.65
CA GLN B 130 22.62 -3.04 -15.70
C GLN B 130 21.57 -2.17 -14.95
N ASP B 131 20.42 -1.84 -15.56
CA ASP B 131 19.41 -1.03 -14.87
C ASP B 131 18.45 -1.96 -14.06
N ARG B 132 18.98 -2.97 -13.40
CA ARG B 132 18.18 -3.92 -12.65
C ARG B 132 18.81 -4.13 -11.28
N VAL B 133 17.99 -3.93 -10.23
CA VAL B 133 18.32 -4.20 -8.82
C VAL B 133 17.09 -4.91 -8.28
N ALA B 134 17.23 -6.18 -7.90
CA ALA B 134 16.08 -6.96 -7.49
C ALA B 134 16.06 -7.32 -5.98
N SER B 135 17.17 -7.13 -5.26
CA SER B 135 17.20 -7.22 -3.80
C SER B 135 18.32 -6.33 -3.29
N VAL B 136 18.18 -5.86 -2.05
CA VAL B 136 19.07 -4.89 -1.43
C VAL B 136 19.27 -5.23 0.07
N ARG B 137 20.51 -5.09 0.57
CA ARG B 137 20.85 -5.11 1.97
C ARG B 137 21.39 -3.71 2.33
N ALA B 138 20.63 -2.94 3.12
CA ALA B 138 21.08 -1.64 3.64
C ALA B 138 21.67 -1.94 5.00
N ILE B 139 23.02 -2.20 5.03
CA ILE B 139 23.76 -2.58 6.24
C ILE B 139 23.84 -1.41 7.21
N ASN B 140 24.24 -0.23 6.70
CA ASN B 140 24.32 0.98 7.53
C ASN B 140 23.83 2.16 6.74
N GLY B 141 23.14 3.06 7.41
CA GLY B 141 22.66 4.31 6.84
C GLY B 141 21.41 4.22 6.01
N THR B 142 20.90 5.41 5.64
CA THR B 142 19.71 5.57 4.80
C THR B 142 20.13 5.99 3.43
N TRP B 143 19.53 5.36 2.42
CA TRP B 143 19.88 5.58 1.02
C TRP B 143 18.63 5.91 0.20
N VAL B 144 18.85 6.44 -0.99
CA VAL B 144 17.77 6.71 -1.95
C VAL B 144 18.25 6.25 -3.33
N GLY B 145 17.47 5.36 -3.93
CA GLY B 145 17.72 4.84 -5.28
C GLY B 145 16.82 5.53 -6.29
N TYR B 146 17.25 5.63 -7.54
CA TYR B 146 16.50 6.30 -8.61
C TYR B 146 16.39 5.44 -9.84
N GLU B 147 15.33 5.67 -10.64
CA GLU B 147 15.09 4.95 -11.90
C GLU B 147 16.17 5.16 -12.93
N PHE B 148 16.67 6.41 -13.06
CA PHE B 148 17.57 6.80 -14.13
C PHE B 148 18.95 7.26 -13.59
N PRO B 149 20.00 7.27 -14.45
CA PRO B 149 21.32 7.69 -13.98
C PRO B 149 21.31 9.15 -13.56
N GLY B 150 22.26 9.53 -12.71
CA GLY B 150 22.43 10.92 -12.26
C GLY B 150 21.30 11.39 -11.38
N TYR B 151 20.69 10.46 -10.63
CA TYR B 151 19.62 10.69 -9.63
C TYR B 151 18.38 11.32 -10.27
N ARG B 152 17.88 10.69 -11.33
CA ARG B 152 16.72 11.20 -12.05
C ARG B 152 15.62 10.17 -12.04
N GLY B 153 14.40 10.63 -12.28
CA GLY B 153 13.23 9.77 -12.22
C GLY B 153 12.79 9.51 -10.80
N ARG B 154 11.95 8.50 -10.61
CA ARG B 154 11.34 8.15 -9.34
C ARG B 154 12.35 7.66 -8.30
N GLN B 155 12.17 8.09 -7.05
CA GLN B 155 13.00 7.77 -5.89
C GLN B 155 12.40 6.68 -5.04
N TYR B 156 13.26 5.84 -4.42
CA TYR B 156 12.89 4.78 -3.49
C TYR B 156 13.86 4.82 -2.33
N VAL B 157 13.34 5.01 -1.13
CA VAL B 157 14.18 5.09 0.06
C VAL B 157 14.48 3.72 0.62
N PHE B 158 15.76 3.52 0.99
CA PHE B 158 16.25 2.32 1.68
C PHE B 158 16.74 2.67 3.07
N GLU B 159 16.04 2.22 4.09
CA GLU B 159 16.52 2.42 5.44
C GLU B 159 17.17 1.11 5.85
N ARG B 160 18.02 1.16 6.89
CA ARG B 160 18.75 0.01 7.42
C ARG B 160 17.79 -1.19 7.54
N GLY B 161 18.14 -2.28 6.88
CA GLY B 161 17.31 -3.49 6.82
C GLY B 161 17.55 -4.26 5.55
N GLU B 162 16.78 -5.32 5.34
CA GLU B 162 16.91 -6.22 4.16
C GLU B 162 15.67 -6.13 3.28
N TYR B 163 15.88 -6.19 1.96
CA TYR B 163 14.81 -6.10 0.95
C TYR B 163 15.02 -7.26 -0.01
N ARG B 164 14.29 -8.36 0.17
CA ARG B 164 14.48 -9.58 -0.60
C ARG B 164 13.87 -9.51 -2.01
N HIS B 165 13.08 -8.46 -2.30
CA HIS B 165 12.43 -8.29 -3.62
C HIS B 165 12.14 -6.83 -3.83
N TRP B 166 12.09 -6.36 -5.10
CA TRP B 166 11.83 -4.95 -5.42
C TRP B 166 10.52 -4.42 -4.82
N ASN B 167 9.50 -5.26 -4.58
CA ASN B 167 8.25 -4.83 -3.94
C ASN B 167 8.47 -4.36 -2.49
N GLU B 168 9.52 -4.88 -1.80
N GLU B 168 9.51 -4.87 -1.81
CA GLU B 168 9.87 -4.52 -0.42
CA GLU B 168 9.81 -4.51 -0.42
C GLU B 168 10.26 -3.05 -0.30
C GLU B 168 10.28 -3.06 -0.28
N TRP B 169 10.74 -2.42 -1.40
CA TRP B 169 11.06 -0.98 -1.34
C TRP B 169 9.96 -0.19 -2.06
N ASP B 170 8.81 -0.85 -2.26
CA ASP B 170 7.62 -0.22 -2.85
C ASP B 170 7.79 0.16 -4.32
N ALA B 171 8.58 -0.65 -5.06
CA ALA B 171 8.71 -0.51 -6.49
C ALA B 171 7.89 -1.60 -7.19
N SER B 172 7.29 -1.28 -8.35
CA SER B 172 6.55 -2.28 -9.13
C SER B 172 7.51 -3.06 -10.01
N GLN B 173 8.68 -2.48 -10.33
CA GLN B 173 9.70 -3.11 -11.19
C GLN B 173 11.11 -2.93 -10.62
N PRO B 174 12.05 -3.86 -10.94
CA PRO B 174 13.42 -3.72 -10.41
C PRO B 174 14.30 -2.71 -11.14
N GLN B 175 13.73 -1.70 -11.82
CA GLN B 175 14.58 -0.74 -12.51
C GLN B 175 15.16 0.33 -11.55
N LEU B 176 16.49 0.37 -11.44
CA LEU B 176 17.27 1.37 -10.68
C LEU B 176 18.56 1.61 -11.42
N GLN B 177 19.01 2.88 -11.52
CA GLN B 177 20.24 3.15 -12.26
C GLN B 177 21.21 4.03 -11.49
N SER B 178 20.81 4.57 -10.34
CA SER B 178 21.68 5.37 -9.49
C SER B 178 21.19 5.28 -8.06
N VAL B 179 22.08 5.51 -7.11
CA VAL B 179 21.76 5.45 -5.68
C VAL B 179 22.75 6.34 -4.92
N ARG B 180 22.27 6.99 -3.86
CA ARG B 180 23.10 7.87 -3.04
C ARG B 180 22.65 7.78 -1.57
N ARG B 181 23.55 8.20 -0.67
CA ARG B 181 23.30 8.27 0.77
C ARG B 181 22.48 9.50 1.08
N ILE B 182 21.57 9.38 2.05
CA ILE B 182 20.85 10.53 2.57
C ILE B 182 21.66 11.00 3.78
N ARG B 183 22.30 12.16 3.62
CA ARG B 183 23.19 12.78 4.60
C ARG B 183 23.26 14.29 4.35
N SER C 8 -12.39 -5.04 24.92
CA SER C 8 -12.27 -6.41 24.42
C SER C 8 -10.83 -6.74 23.91
N TYR C 9 -10.03 -5.75 23.46
CA TYR C 9 -8.66 -5.99 22.97
C TYR C 9 -7.67 -5.14 23.73
N LYS C 10 -6.46 -5.69 23.98
CA LYS C 10 -5.42 -4.94 24.69
C LYS C 10 -4.05 -5.48 24.41
N VAL C 11 -3.15 -4.58 24.01
CA VAL C 11 -1.77 -4.91 23.76
C VAL C 11 -0.91 -3.89 24.48
N ILE C 12 0.21 -4.35 25.06
CA ILE C 12 1.14 -3.48 25.75
C ILE C 12 2.44 -3.54 24.98
N LEU C 13 2.88 -2.38 24.46
CA LEU C 13 4.12 -2.28 23.69
C LEU C 13 5.16 -1.57 24.50
N TYR C 14 6.39 -2.08 24.46
CA TYR C 14 7.51 -1.52 25.21
C TYR C 14 8.59 -1.02 24.26
N GLU C 15 9.25 0.08 24.64
CA GLU C 15 10.33 0.70 23.87
C GLU C 15 11.52 -0.25 23.75
N LEU C 16 11.83 -1.01 24.81
CA LEU C 16 13.00 -1.89 24.80
C LEU C 16 12.62 -3.36 24.98
N GLU C 17 13.61 -4.25 24.85
CA GLU C 17 13.43 -5.69 25.01
C GLU C 17 13.09 -5.99 26.46
N ASN C 18 12.51 -7.18 26.71
CA ASN C 18 12.17 -7.70 28.05
C ASN C 18 11.25 -6.77 28.84
N PHE C 19 10.32 -6.11 28.14
CA PHE C 19 9.26 -5.30 28.71
C PHE C 19 9.82 -4.12 29.55
N GLN C 20 10.95 -3.54 29.09
CA GLN C 20 11.65 -2.40 29.70
C GLN C 20 11.40 -1.13 28.88
N GLY C 21 11.74 0.04 29.45
CA GLY C 21 11.57 1.34 28.81
C GLY C 21 10.14 1.84 28.79
N LYS C 22 9.85 2.87 27.96
CA LYS C 22 8.51 3.46 27.80
C LYS C 22 7.48 2.38 27.42
N ARG C 23 6.35 2.45 28.10
CA ARG C 23 5.23 1.53 28.03
C ARG C 23 4.02 2.20 27.34
N CYS C 24 3.43 1.49 26.36
N CYS C 24 3.42 1.51 26.35
CA CYS C 24 2.28 1.97 25.59
CA CYS C 24 2.26 2.03 25.64
C CYS C 24 1.16 0.93 25.58
C CYS C 24 1.16 0.97 25.55
N GLU C 25 0.02 1.26 26.19
CA GLU C 25 -1.14 0.37 26.18
C GLU C 25 -2.08 0.80 25.07
N LEU C 26 -2.57 -0.15 24.26
CA LEU C 26 -3.51 0.10 23.16
C LEU C 26 -4.69 -0.81 23.26
N SER C 27 -5.88 -0.26 23.04
CA SER C 27 -7.12 -1.04 23.06
C SER C 27 -7.83 -0.92 21.71
N ALA C 28 -7.18 -0.22 20.77
CA ALA C 28 -7.70 0.04 19.44
C ALA C 28 -6.57 0.03 18.44
N GLU C 29 -6.92 -0.03 17.13
CA GLU C 29 -5.92 -0.04 16.07
C GLU C 29 -5.06 1.22 16.13
N CYS C 30 -3.85 1.10 15.64
CA CYS C 30 -2.93 2.22 15.57
C CYS C 30 -2.30 2.21 14.20
N PRO C 31 -2.60 3.20 13.30
CA PRO C 31 -2.02 3.14 11.95
C PRO C 31 -0.54 3.61 11.90
N SER C 32 -0.06 4.23 12.98
CA SER C 32 1.34 4.68 13.08
C SER C 32 1.76 4.80 14.52
N LEU C 33 2.70 3.94 14.90
CA LEU C 33 3.20 3.88 16.25
C LEU C 33 4.13 5.07 16.53
N THR C 34 4.76 5.67 15.50
CA THR C 34 5.65 6.85 15.69
C THR C 34 4.85 8.17 15.72
N ASP C 35 3.51 8.12 15.59
CA ASP C 35 2.67 9.32 15.57
C ASP C 35 2.72 10.04 16.95
N SER C 36 2.81 9.26 18.08
CA SER C 36 2.93 9.81 19.45
C SER C 36 3.47 8.78 20.48
N LEU C 37 3.24 7.51 20.21
CA LEU C 37 3.49 6.42 21.13
C LEU C 37 4.97 6.01 21.38
N LEU C 38 5.65 5.33 20.43
CA LEU C 38 7.03 4.85 20.67
C LEU C 38 8.00 5.15 19.54
N GLU C 39 9.32 5.13 19.85
CA GLU C 39 10.37 5.32 18.85
C GLU C 39 10.52 4.03 18.00
N LYS C 40 10.66 2.87 18.68
CA LYS C 40 10.82 1.54 18.08
C LYS C 40 10.43 0.45 19.09
N VAL C 41 9.43 -0.39 18.75
CA VAL C 41 8.96 -1.46 19.65
C VAL C 41 10.06 -2.49 19.85
N GLY C 42 10.39 -2.74 21.12
CA GLY C 42 11.39 -3.71 21.51
C GLY C 42 10.82 -5.00 22.08
N SER C 43 9.63 -4.94 22.74
CA SER C 43 8.94 -6.09 23.33
C SER C 43 7.44 -5.83 23.41
N ILE C 44 6.65 -6.89 23.47
CA ILE C 44 5.18 -6.81 23.47
C ILE C 44 4.56 -7.82 24.43
N GLN C 45 3.45 -7.42 25.07
CA GLN C 45 2.58 -8.31 25.81
C GLN C 45 1.20 -8.17 25.23
N VAL C 46 0.63 -9.27 24.74
CA VAL C 46 -0.75 -9.23 24.23
C VAL C 46 -1.62 -9.74 25.38
N GLU C 47 -2.39 -8.84 25.99
CA GLU C 47 -3.24 -9.15 27.12
C GLU C 47 -4.58 -9.75 26.62
N SER C 48 -5.11 -9.18 25.53
CA SER C 48 -6.36 -9.66 24.93
C SER C 48 -6.24 -9.46 23.43
N GLY C 49 -6.33 -10.55 22.69
CA GLY C 49 -6.17 -10.45 21.24
C GLY C 49 -7.08 -11.37 20.44
N PRO C 50 -6.58 -11.88 19.31
CA PRO C 50 -5.23 -11.63 18.74
C PRO C 50 -5.14 -10.27 18.07
N TRP C 51 -3.93 -9.81 17.86
CA TRP C 51 -3.65 -8.59 17.10
C TRP C 51 -2.92 -8.99 15.84
N LEU C 52 -3.03 -8.14 14.82
CA LEU C 52 -2.27 -8.27 13.58
C LEU C 52 -1.32 -7.08 13.54
N ALA C 53 -0.03 -7.34 13.63
CA ALA C 53 0.96 -6.26 13.59
C ALA C 53 1.63 -6.20 12.24
N PHE C 54 2.20 -5.03 11.89
CA PHE C 54 2.81 -4.76 10.59
C PHE C 54 4.13 -4.07 10.70
N GLU C 55 5.04 -4.39 9.77
CA GLU C 55 6.37 -3.83 9.70
C GLU C 55 6.31 -2.35 9.40
N SER C 56 5.36 -1.94 8.56
CA SER C 56 5.27 -0.54 8.11
C SER C 56 4.02 0.15 8.60
N ARG C 57 3.97 1.48 8.45
CA ARG C 57 2.82 2.30 8.81
C ARG C 57 1.61 1.95 7.93
N ALA C 58 0.40 2.28 8.43
CA ALA C 58 -0.86 2.12 7.69
C ALA C 58 -1.12 0.68 7.23
N PHE C 59 -0.77 -0.30 8.12
CA PHE C 59 -1.08 -1.72 7.94
C PHE C 59 -0.52 -2.29 6.63
N ARG C 60 0.77 -1.96 6.36
CA ARG C 60 1.50 -2.42 5.18
C ARG C 60 2.76 -3.15 5.59
N GLY C 61 3.36 -3.85 4.63
CA GLY C 61 4.62 -4.56 4.84
C GLY C 61 4.43 -5.89 5.52
N GLU C 62 5.51 -6.45 6.06
CA GLU C 62 5.46 -7.77 6.67
C GLU C 62 4.44 -7.86 7.84
N GLN C 63 3.72 -8.97 7.90
CA GLN C 63 2.68 -9.22 8.89
C GLN C 63 3.12 -10.15 10.01
N PHE C 64 2.63 -9.89 11.23
CA PHE C 64 2.91 -10.69 12.42
C PHE C 64 1.60 -10.89 13.18
N VAL C 65 1.11 -12.11 13.20
CA VAL C 65 -0.08 -12.46 13.99
C VAL C 65 0.37 -12.57 15.44
N LEU C 66 -0.28 -11.81 16.32
CA LEU C 66 0.10 -11.84 17.72
C LEU C 66 -1.01 -12.40 18.58
N GLU C 67 -0.87 -13.67 18.98
CA GLU C 67 -1.78 -14.27 19.94
C GLU C 67 -1.46 -13.75 21.34
N LYS C 68 -2.35 -14.02 22.28
CA LYS C 68 -2.16 -13.65 23.68
C LYS C 68 -0.83 -14.25 24.22
N GLY C 69 -0.10 -13.44 25.01
CA GLY C 69 1.15 -13.90 25.56
C GLY C 69 2.27 -12.87 25.51
N ASP C 70 3.49 -13.33 25.82
CA ASP C 70 4.68 -12.49 25.97
C ASP C 70 5.70 -12.67 24.87
N TYR C 71 6.17 -11.55 24.34
CA TYR C 71 7.16 -11.50 23.25
C TYR C 71 8.29 -10.60 23.71
N PRO C 72 9.37 -11.15 24.31
CA PRO C 72 10.40 -10.30 24.94
C PRO C 72 11.36 -9.58 23.99
N ARG C 73 11.31 -9.94 22.69
CA ARG C 73 12.17 -9.34 21.66
C ARG C 73 11.54 -9.57 20.32
N TRP C 74 11.97 -8.79 19.30
CA TRP C 74 11.42 -8.86 17.95
C TRP C 74 11.47 -10.30 17.34
N ASP C 75 12.50 -11.12 17.64
CA ASP C 75 12.57 -12.50 17.11
C ASP C 75 11.53 -13.44 17.77
N ALA C 76 10.83 -12.95 18.80
CA ALA C 76 9.76 -13.75 19.40
C ALA C 76 8.47 -13.63 18.56
N TRP C 77 8.25 -12.48 17.86
CA TRP C 77 7.06 -12.31 17.02
C TRP C 77 7.36 -12.52 15.55
N SER C 78 8.61 -12.33 15.13
CA SER C 78 8.97 -12.51 13.73
C SER C 78 9.49 -13.94 13.53
N ASN C 79 8.69 -14.77 12.80
CA ASN C 79 8.99 -16.19 12.48
C ASN C 79 9.99 -16.23 11.35
N SER C 80 10.10 -15.11 10.62
CA SER C 80 11.11 -14.84 9.60
C SER C 80 12.10 -13.93 10.31
N ARG C 81 13.12 -13.44 9.65
CA ARG C 81 14.07 -12.52 10.28
C ARG C 81 14.39 -11.42 9.27
N ASP C 82 13.39 -11.15 8.41
CA ASP C 82 13.42 -10.14 7.34
C ASP C 82 13.49 -8.73 7.89
N SER C 83 12.74 -8.42 8.99
CA SER C 83 12.66 -7.08 9.55
C SER C 83 12.40 -7.03 11.07
N ASP C 84 13.05 -6.07 11.75
CA ASP C 84 12.85 -5.84 13.19
C ASP C 84 11.90 -4.62 13.43
N SER C 85 11.30 -4.09 12.34
CA SER C 85 10.41 -2.92 12.35
C SER C 85 8.95 -3.34 12.60
N LEU C 86 8.25 -2.62 13.51
CA LEU C 86 6.82 -2.84 13.82
C LEU C 86 6.18 -1.46 13.98
N LEU C 87 5.39 -0.99 12.97
CA LEU C 87 4.92 0.39 12.99
C LEU C 87 3.40 0.61 13.01
N SER C 88 2.61 -0.43 12.81
CA SER C 88 1.15 -0.32 12.90
C SER C 88 0.61 -1.68 13.33
N LEU C 89 -0.57 -1.71 13.94
CA LEU C 89 -1.19 -2.95 14.41
C LEU C 89 -2.64 -2.71 14.72
N ARG C 90 -3.41 -3.76 14.68
CA ARG C 90 -4.83 -3.67 14.93
C ARG C 90 -5.38 -4.96 15.54
N PRO C 91 -6.53 -4.87 16.25
CA PRO C 91 -7.18 -6.10 16.72
C PRO C 91 -7.57 -6.98 15.54
N LEU C 92 -7.52 -8.28 15.70
CA LEU C 92 -7.90 -9.18 14.59
C LEU C 92 -9.18 -9.91 14.99
N ASN C 93 -10.27 -9.72 14.22
CA ASN C 93 -11.56 -10.35 14.43
C ASN C 93 -11.46 -11.84 14.07
N ILE C 94 -11.69 -12.76 15.02
CA ILE C 94 -11.57 -14.19 14.72
C ILE C 94 -12.85 -14.96 15.11
N ASP C 95 -13.96 -14.24 15.28
CA ASP C 95 -15.26 -14.79 15.66
C ASP C 95 -15.88 -15.57 14.48
N SER C 96 -15.45 -16.83 14.33
CA SER C 96 -15.91 -17.70 13.26
C SER C 96 -16.07 -19.14 13.76
N PRO C 97 -17.28 -19.74 13.70
CA PRO C 97 -17.42 -21.12 14.20
C PRO C 97 -16.80 -22.17 13.27
N HIS C 98 -16.83 -21.94 11.94
CA HIS C 98 -16.27 -22.85 10.93
C HIS C 98 -15.19 -22.15 10.09
N HIS C 99 -14.23 -22.93 9.57
CA HIS C 99 -13.11 -22.48 8.75
C HIS C 99 -13.07 -23.26 7.47
N LYS C 100 -13.05 -22.56 6.34
CA LYS C 100 -12.98 -23.15 5.02
C LYS C 100 -12.06 -22.32 4.16
N LEU C 101 -11.03 -22.97 3.59
CA LEU C 101 -10.06 -22.32 2.75
C LEU C 101 -9.80 -23.12 1.51
N HIS C 102 -9.79 -22.45 0.34
CA HIS C 102 -9.45 -23.07 -0.93
C HIS C 102 -8.18 -22.45 -1.44
N LEU C 103 -7.18 -23.29 -1.71
CA LEU C 103 -5.89 -22.89 -2.27
C LEU C 103 -5.85 -23.29 -3.72
N PHE C 104 -5.25 -22.47 -4.57
CA PHE C 104 -5.17 -22.74 -5.99
C PHE C 104 -3.75 -22.59 -6.47
N GLU C 105 -3.38 -23.46 -7.39
CA GLU C 105 -2.08 -23.56 -8.01
C GLU C 105 -1.72 -22.29 -8.81
N ASN C 106 -2.68 -21.77 -9.58
CA ASN C 106 -2.45 -20.65 -10.47
C ASN C 106 -3.37 -19.45 -10.13
N PRO C 107 -3.04 -18.22 -10.61
CA PRO C 107 -3.90 -17.07 -10.33
C PRO C 107 -5.32 -17.25 -10.87
N ALA C 108 -6.25 -16.42 -10.39
CA ALA C 108 -7.66 -16.40 -10.84
C ALA C 108 -8.35 -17.75 -10.61
N PHE C 109 -7.99 -18.42 -9.48
CA PHE C 109 -8.60 -19.67 -8.99
C PHE C 109 -8.56 -20.79 -10.04
N SER C 110 -7.40 -20.91 -10.70
CA SER C 110 -7.15 -21.86 -11.78
C SER C 110 -6.09 -22.91 -11.38
N GLY C 111 -6.12 -24.04 -12.09
CA GLY C 111 -5.19 -25.14 -11.82
C GLY C 111 -5.66 -25.98 -10.67
N ARG C 112 -4.74 -26.76 -10.10
CA ARG C 112 -4.97 -27.66 -8.98
C ARG C 112 -5.57 -26.88 -7.79
N LYS C 113 -6.55 -27.51 -7.11
CA LYS C 113 -7.27 -26.90 -5.99
C LYS C 113 -7.20 -27.82 -4.78
N MET C 114 -6.95 -27.22 -3.60
CA MET C 114 -6.93 -27.86 -2.29
C MET C 114 -7.95 -27.20 -1.41
N GLU C 115 -8.87 -27.99 -0.83
CA GLU C 115 -9.86 -27.48 0.12
C GLU C 115 -9.47 -27.90 1.52
N ILE C 116 -9.45 -26.94 2.46
CA ILE C 116 -9.15 -27.20 3.88
C ILE C 116 -10.37 -26.81 4.70
N VAL C 117 -10.90 -27.76 5.47
CA VAL C 117 -12.10 -27.53 6.27
C VAL C 117 -11.81 -27.89 7.72
N ASP C 118 -11.96 -26.90 8.63
CA ASP C 118 -11.79 -27.03 10.07
C ASP C 118 -10.56 -27.87 10.45
N ASP C 119 -9.43 -27.55 9.84
CA ASP C 119 -8.15 -28.21 10.07
C ASP C 119 -6.99 -27.29 9.72
N ASP C 120 -5.80 -27.62 10.21
CA ASP C 120 -4.56 -26.89 9.91
C ASP C 120 -3.66 -27.76 9.07
N VAL C 121 -2.84 -27.15 8.19
CA VAL C 121 -1.96 -27.92 7.29
C VAL C 121 -0.48 -27.51 7.54
N PRO C 122 0.30 -28.32 8.29
CA PRO C 122 1.71 -27.96 8.56
C PRO C 122 2.63 -28.14 7.36
N SER C 123 2.15 -28.85 6.31
CA SER C 123 2.88 -29.04 5.05
C SER C 123 1.92 -29.24 3.89
N LEU C 124 1.89 -28.29 2.97
CA LEU C 124 1.07 -28.34 1.76
C LEU C 124 1.48 -29.49 0.85
N TRP C 125 2.75 -29.90 0.96
CA TRP C 125 3.31 -31.02 0.22
C TRP C 125 2.59 -32.34 0.51
N ALA C 126 1.98 -32.48 1.71
CA ALA C 126 1.24 -33.69 2.08
C ALA C 126 -0.09 -33.79 1.33
N HIS C 127 -0.49 -32.72 0.62
CA HIS C 127 -1.74 -32.68 -0.11
C HIS C 127 -1.57 -32.37 -1.63
N GLY C 128 -0.42 -32.74 -2.19
CA GLY C 128 -0.13 -32.62 -3.62
C GLY C 128 0.31 -31.27 -4.15
N PHE C 129 0.43 -30.29 -3.28
CA PHE C 129 0.89 -28.97 -3.70
C PHE C 129 2.40 -28.92 -3.61
N GLN C 130 3.01 -27.91 -4.19
CA GLN C 130 4.45 -27.79 -4.05
C GLN C 130 4.65 -26.61 -3.07
N ASP C 131 5.47 -25.64 -3.42
CA ASP C 131 5.65 -24.44 -2.61
C ASP C 131 5.05 -23.27 -3.39
N ARG C 132 3.99 -23.54 -4.17
CA ARG C 132 3.29 -22.54 -4.95
C ARG C 132 1.80 -22.52 -4.63
N VAL C 133 1.30 -21.33 -4.21
CA VAL C 133 -0.11 -20.98 -3.99
C VAL C 133 -0.27 -19.63 -4.67
N ALA C 134 -1.03 -19.57 -5.78
CA ALA C 134 -1.12 -18.33 -6.56
C ALA C 134 -2.48 -17.61 -6.47
N SER C 135 -3.51 -18.27 -5.93
CA SER C 135 -4.79 -17.63 -5.61
C SER C 135 -5.42 -18.41 -4.48
N VAL C 136 -6.24 -17.72 -3.70
CA VAL C 136 -6.86 -18.24 -2.48
C VAL C 136 -8.30 -17.74 -2.36
N ARG C 137 -9.16 -18.61 -1.83
CA ARG C 137 -10.53 -18.28 -1.45
C ARG C 137 -10.73 -18.60 0.03
N ALA C 138 -10.80 -17.57 0.86
CA ALA C 138 -11.08 -17.79 2.28
C ALA C 138 -12.61 -17.70 2.43
N ILE C 139 -13.27 -18.86 2.37
CA ILE C 139 -14.74 -19.00 2.42
C ILE C 139 -15.24 -18.67 3.81
N ASN C 140 -14.64 -19.27 4.85
CA ASN C 140 -15.02 -19.01 6.25
C ASN C 140 -13.77 -18.93 7.10
N GLY C 141 -13.80 -18.03 8.08
CA GLY C 141 -12.72 -17.88 9.04
C GLY C 141 -11.51 -17.12 8.58
N THR C 142 -10.62 -16.86 9.53
CA THR C 142 -9.35 -16.17 9.31
C THR C 142 -8.24 -17.20 9.39
N TRP C 143 -7.30 -17.09 8.43
CA TRP C 143 -6.19 -18.01 8.31
C TRP C 143 -4.88 -17.27 8.25
N VAL C 144 -3.79 -17.98 8.46
CA VAL C 144 -2.44 -17.45 8.31
C VAL C 144 -1.62 -18.50 7.55
N GLY C 145 -1.03 -18.08 6.44
CA GLY C 145 -0.15 -18.90 5.61
C GLY C 145 1.30 -18.53 5.86
N TYR C 146 2.21 -19.48 5.65
CA TYR C 146 3.64 -19.28 5.91
C TYR C 146 4.48 -19.74 4.74
N GLU C 147 5.69 -19.12 4.57
CA GLU C 147 6.64 -19.49 3.52
C GLU C 147 7.13 -20.92 3.62
N PHE C 148 7.39 -21.39 4.84
CA PHE C 148 8.04 -22.68 5.06
C PHE C 148 7.14 -23.68 5.83
N PRO C 149 7.43 -25.01 5.74
CA PRO C 149 6.61 -26.00 6.45
C PRO C 149 6.68 -25.79 7.96
N GLY C 150 5.68 -26.28 8.68
CA GLY C 150 5.65 -26.22 10.13
C GLY C 150 5.49 -24.81 10.66
N TYR C 151 4.82 -23.94 9.89
CA TYR C 151 4.50 -22.54 10.24
C TYR C 151 5.76 -21.71 10.51
N ARG C 152 6.68 -21.72 9.56
CA ARG C 152 7.94 -20.99 9.69
C ARG C 152 8.09 -19.99 8.57
N GLY C 153 8.93 -18.98 8.79
CA GLY C 153 9.18 -17.91 7.83
C GLY C 153 8.12 -16.83 7.91
N ARG C 154 7.97 -16.06 6.83
CA ARG C 154 7.06 -14.94 6.77
C ARG C 154 5.59 -15.41 6.73
N GLN C 155 4.72 -14.67 7.44
CA GLN C 155 3.28 -14.92 7.58
C GLN C 155 2.47 -14.00 6.68
N TYR C 156 1.34 -14.51 6.19
CA TYR C 156 0.39 -13.77 5.38
C TYR C 156 -0.99 -14.14 5.88
N VAL C 157 -1.76 -13.12 6.29
CA VAL C 157 -3.11 -13.35 6.84
C VAL C 157 -4.13 -13.36 5.71
N PHE C 158 -5.05 -14.33 5.80
CA PHE C 158 -6.19 -14.45 4.90
C PHE C 158 -7.50 -14.28 5.67
N GLU C 159 -8.19 -13.17 5.45
CA GLU C 159 -9.50 -13.02 6.07
C GLU C 159 -10.53 -13.37 5.00
N ARG C 160 -11.79 -13.60 5.40
N ARG C 160 -11.80 -13.61 5.40
CA ARG C 160 -12.91 -13.97 4.53
CA ARG C 160 -12.89 -13.97 4.50
C ARG C 160 -12.92 -13.05 3.29
C ARG C 160 -12.88 -13.05 3.28
N GLY C 161 -12.80 -13.68 2.12
CA GLY C 161 -12.73 -12.98 0.84
C GLY C 161 -11.97 -13.76 -0.20
N GLU C 162 -11.78 -13.15 -1.37
CA GLU C 162 -11.09 -13.73 -2.52
C GLU C 162 -9.78 -13.03 -2.80
N TYR C 163 -8.75 -13.82 -3.18
CA TYR C 163 -7.42 -13.36 -3.51
C TYR C 163 -7.05 -13.98 -4.85
N ARG C 164 -7.25 -13.24 -5.96
CA ARG C 164 -7.07 -13.75 -7.32
C ARG C 164 -5.59 -13.85 -7.73
N HIS C 165 -4.67 -13.28 -6.93
CA HIS C 165 -3.23 -13.30 -7.22
C HIS C 165 -2.46 -13.15 -5.91
N TRP C 166 -1.22 -13.67 -5.83
CA TRP C 166 -0.41 -13.61 -4.63
C TRP C 166 -0.19 -12.16 -4.12
N ASN C 167 -0.22 -11.15 -5.00
CA ASN C 167 -0.08 -9.75 -4.58
C ASN C 167 -1.27 -9.29 -3.70
N GLU C 168 -2.48 -9.90 -3.86
CA GLU C 168 -3.69 -9.56 -3.07
C GLU C 168 -3.48 -9.90 -1.57
N TRP C 169 -2.57 -10.85 -1.22
CA TRP C 169 -2.31 -11.11 0.20
C TRP C 169 -0.98 -10.49 0.59
N ASP C 170 -0.51 -9.54 -0.25
CA ASP C 170 0.69 -8.74 0.02
C ASP C 170 1.96 -9.56 0.01
N ALA C 171 2.02 -10.59 -0.86
CA ALA C 171 3.21 -11.39 -1.08
C ALA C 171 3.82 -10.98 -2.42
N SER C 172 5.17 -10.98 -2.52
CA SER C 172 5.84 -10.66 -3.80
C SER C 172 5.94 -11.92 -4.68
N GLN C 173 5.85 -13.10 -4.05
CA GLN C 173 5.94 -14.38 -4.74
C GLN C 173 4.88 -15.37 -4.24
N PRO C 174 4.45 -16.35 -5.07
CA PRO C 174 3.45 -17.32 -4.61
C PRO C 174 4.01 -18.45 -3.72
N GLN C 175 5.08 -18.20 -2.96
CA GLN C 175 5.61 -19.29 -2.14
C GLN C 175 4.89 -19.38 -0.79
N LEU C 176 4.26 -20.53 -0.52
CA LEU C 176 3.58 -20.89 0.75
C LEU C 176 3.75 -22.38 0.94
N GLN C 177 4.04 -22.83 2.18
CA GLN C 177 4.25 -24.24 2.41
C GLN C 177 3.44 -24.79 3.60
N SER C 178 2.80 -23.91 4.38
CA SER C 178 1.93 -24.33 5.48
C SER C 178 0.89 -23.24 5.71
N VAL C 179 -0.24 -23.63 6.31
CA VAL C 179 -1.33 -22.70 6.60
C VAL C 179 -2.14 -23.26 7.79
N ARG C 180 -2.64 -22.36 8.62
CA ARG C 180 -3.44 -22.72 9.79
C ARG C 180 -4.51 -21.68 10.05
N ARG C 181 -5.54 -22.07 10.82
CA ARG C 181 -6.64 -21.22 11.24
C ARG C 181 -6.19 -20.37 12.39
N ILE C 182 -6.68 -19.12 12.43
CA ILE C 182 -6.46 -18.25 13.59
C ILE C 182 -7.68 -18.43 14.45
N ARG C 183 -7.49 -19.09 15.59
CA ARG C 183 -8.52 -19.43 16.57
C ARG C 183 -7.87 -19.65 17.94
S SO4 D . -0.45 -0.09 -1.27
O1 SO4 D . 0.12 0.79 -2.30
O2 SO4 D . -1.05 0.73 -0.24
O3 SO4 D . -1.47 -0.94 -1.87
O4 SO4 D . 0.61 -0.91 -0.67
S SO4 E . -6.27 17.76 -13.75
O1 SO4 E . -5.83 16.47 -14.24
O2 SO4 E . -6.86 18.55 -14.84
O3 SO4 E . -7.25 17.51 -12.68
O4 SO4 E . -5.11 18.49 -13.20
S SO4 F . -12.20 -6.00 10.58
O1 SO4 F . -11.07 -5.56 9.74
O2 SO4 F . -13.42 -5.27 10.21
O3 SO4 F . -12.43 -7.43 10.36
O4 SO4 F . -11.89 -5.77 12.01
C1 EDO G . -28.48 7.89 14.11
O1 EDO G . -27.67 9.06 13.89
C2 EDO G . -27.60 6.70 14.44
O2 EDO G . -28.41 5.52 14.37
C1 EDO H . 12.36 -12.38 -12.56
O1 EDO H . 12.98 -12.09 -11.31
C2 EDO H . 11.57 -11.19 -13.07
O2 EDO H . 12.45 -10.14 -13.49
C1 EDO I . 11.03 -7.58 -15.28
O1 EDO I . 11.90 -6.45 -15.43
C2 EDO I . 10.28 -7.54 -13.95
O2 EDO I . 9.35 -6.43 -13.92
C1 EDO J . 24.83 1.16 -21.50
O1 EDO J . 25.47 0.43 -22.55
C2 EDO J . 23.68 1.89 -22.19
O2 EDO J . 22.62 0.94 -22.38
S SO4 K . 0.84 21.82 -13.32
O1 SO4 K . 2.12 21.40 -13.93
O2 SO4 K . -0.18 21.99 -14.36
O3 SO4 K . 0.39 20.76 -12.39
O4 SO4 K . 1.03 23.08 -12.57
C1 EDO L . 21.69 3.67 10.87
O1 EDO L . 20.72 3.80 9.80
C2 EDO L . 22.61 2.48 10.58
O2 EDO L . 23.84 2.75 11.23
S SO4 M . -4.86 8.16 -1.52
O1 SO4 M . -4.22 8.08 -2.85
O2 SO4 M . -4.77 9.50 -1.03
O3 SO4 M . -6.28 7.70 -1.69
O4 SO4 M . -4.18 7.27 -0.58
#